data_7AY8
#
_entry.id   7AY8
#
_entity_poly.entity_id   1
_entity_poly.type   'polypeptide(L)'
_entity_poly.pdbx_seq_one_letter_code
;CIQRHRSCRKSSECCGCSVCQCNLFGQNCQCKSGGLIAC
;
_entity_poly.pdbx_strand_id   A
#
# COMPACT_ATOMS: atom_id res chain seq x y z
N CYS A 1 -7.15 9.76 0.27
CA CYS A 1 -6.47 8.58 -0.23
C CYS A 1 -6.22 7.57 0.90
N ILE A 2 -5.74 6.39 0.53
CA ILE A 2 -5.45 5.34 1.50
C ILE A 2 -4.07 5.52 2.11
N GLN A 3 -4.03 5.68 3.43
CA GLN A 3 -2.76 5.85 4.13
C GLN A 3 -1.89 4.61 4.01
N ARG A 4 -0.58 4.79 4.16
CA ARG A 4 0.37 3.69 4.06
C ARG A 4 0.25 2.76 5.27
N HIS A 5 -0.96 2.62 5.78
CA HIS A 5 -1.21 1.76 6.93
C HIS A 5 -2.68 1.34 7.00
N ARG A 6 -3.34 1.33 5.85
CA ARG A 6 -4.74 0.95 5.78
C ARG A 6 -5.00 0.03 4.59
N SER A 7 -6.01 -0.83 4.73
CA SER A 7 -6.35 -1.78 3.67
C SER A 7 -6.56 -1.05 2.35
N CYS A 8 -6.19 -1.70 1.25
CA CYS A 8 -6.34 -1.13 -0.08
C CYS A 8 -6.65 -2.21 -1.11
N ARG A 9 -6.94 -1.78 -2.34
CA ARG A 9 -7.26 -2.70 -3.41
C ARG A 9 -6.13 -2.74 -4.44
N LYS A 10 -5.33 -1.68 -4.48
CA LYS A 10 -4.23 -1.59 -5.42
C LYS A 10 -3.17 -0.61 -4.92
N SER A 11 -1.90 -0.93 -5.17
CA SER A 11 -0.80 -0.09 -4.74
C SER A 11 -1.00 1.35 -5.22
N SER A 12 -1.70 1.51 -6.34
CA SER A 12 -1.96 2.82 -6.91
C SER A 12 -2.87 3.63 -5.99
N GLU A 13 -3.78 2.94 -5.32
CA GLU A 13 -4.71 3.60 -4.41
C GLU A 13 -4.04 3.96 -3.09
N CYS A 14 -2.95 4.73 -3.18
CA CYS A 14 -2.22 5.15 -2.00
C CYS A 14 -1.39 6.40 -2.28
N CYS A 15 -1.68 7.47 -1.56
CA CYS A 15 -0.96 8.73 -1.74
C CYS A 15 0.54 8.53 -1.54
N GLY A 16 1.33 9.44 -2.11
CA GLY A 16 2.77 9.34 -2.00
C GLY A 16 3.33 8.10 -2.67
N CYS A 17 4.61 7.82 -2.42
CA CYS A 17 5.26 6.66 -3.02
C CYS A 17 5.02 5.42 -2.17
N SER A 18 3.75 5.13 -1.91
CA SER A 18 3.38 3.96 -1.10
C SER A 18 2.86 2.84 -1.98
N VAL A 19 2.90 1.61 -1.47
CA VAL A 19 2.43 0.46 -2.21
C VAL A 19 1.48 -0.39 -1.36
N CYS A 20 0.85 -1.37 -1.99
CA CYS A 20 -0.09 -2.24 -1.30
C CYS A 20 0.18 -3.71 -1.64
N GLN A 21 0.24 -4.54 -0.61
CA GLN A 21 0.50 -5.97 -0.80
C GLN A 21 -0.31 -6.80 0.20
N CYS A 22 -0.59 -8.05 -0.18
CA CYS A 22 -1.37 -8.95 0.68
C CYS A 22 -0.44 -9.86 1.48
N ASN A 23 -1.03 -10.71 2.31
CA ASN A 23 -0.25 -11.64 3.13
C ASN A 23 0.06 -12.91 2.35
N LEU A 24 0.61 -13.90 3.06
CA LEU A 24 0.96 -15.18 2.44
C LEU A 24 -0.25 -15.80 1.76
N PHE A 25 -1.44 -15.49 2.27
CA PHE A 25 -2.67 -16.02 1.71
C PHE A 25 -3.28 -15.05 0.70
N GLY A 26 -2.43 -14.21 0.12
CA GLY A 26 -2.90 -13.23 -0.85
C GLY A 26 -4.13 -12.49 -0.39
N GLN A 27 -4.25 -12.28 0.92
CA GLN A 27 -5.39 -11.59 1.50
C GLN A 27 -4.94 -10.48 2.44
N ASN A 28 -5.89 -9.70 2.92
CA ASN A 28 -5.60 -8.59 3.83
C ASN A 28 -4.53 -7.68 3.24
N CYS A 29 -4.83 -7.09 2.09
CA CYS A 29 -3.90 -6.19 1.41
C CYS A 29 -3.81 -4.86 2.14
N GLN A 30 -2.67 -4.61 2.78
CA GLN A 30 -2.47 -3.36 3.51
C GLN A 30 -1.40 -2.51 2.84
N CYS A 31 -1.57 -1.19 2.90
CA CYS A 31 -0.63 -0.26 2.30
C CYS A 31 0.62 -0.13 3.16
N LYS A 32 1.75 0.14 2.51
CA LYS A 32 3.02 0.29 3.21
C LYS A 32 3.85 1.42 2.61
N SER A 33 4.96 1.75 3.26
CA SER A 33 5.84 2.81 2.78
C SER A 33 6.66 2.35 1.58
N GLY A 34 7.28 3.31 0.89
CA GLY A 34 8.08 2.97 -0.26
C GLY A 34 9.33 3.83 -0.37
N GLY A 35 9.19 5.11 -0.05
CA GLY A 35 10.33 6.01 -0.12
C GLY A 35 9.91 7.46 -0.21
N LEU A 36 9.82 8.13 0.93
CA LEU A 36 9.43 9.53 0.98
C LEU A 36 10.57 10.43 0.56
N ILE A 37 11.80 10.04 0.91
CA ILE A 37 12.98 10.80 0.56
C ILE A 37 13.47 10.46 -0.84
N ALA A 38 13.34 9.19 -1.21
CA ALA A 38 13.77 8.72 -2.53
C ALA A 38 12.99 7.48 -2.95
N CYS A 39 12.10 7.64 -3.92
CA CYS A 39 11.29 6.53 -4.41
C CYS A 39 12.13 5.61 -5.30
N CYS A 1 -6.07 10.23 2.37
CA CYS A 1 -5.38 9.28 1.51
C CYS A 1 -5.16 7.96 2.24
N ILE A 2 -4.73 6.94 1.51
CA ILE A 2 -4.48 5.62 2.09
C ILE A 2 -3.03 5.48 2.51
N GLN A 3 -2.77 5.75 3.79
CA GLN A 3 -1.41 5.63 4.32
C GLN A 3 -1.00 4.18 4.49
N ARG A 4 0.30 3.95 4.69
CA ARG A 4 0.81 2.60 4.86
C ARG A 4 0.03 1.84 5.92
N HIS A 5 -0.56 2.58 6.86
CA HIS A 5 -1.34 1.99 7.94
C HIS A 5 -2.83 1.95 7.57
N ARG A 6 -3.11 1.74 6.29
CA ARG A 6 -4.49 1.69 5.81
C ARG A 6 -4.63 0.70 4.66
N SER A 7 -5.72 -0.05 4.67
CA SER A 7 -5.98 -1.04 3.63
C SER A 7 -6.13 -0.37 2.26
N CYS A 8 -5.84 -1.13 1.21
CA CYS A 8 -5.94 -0.62 -0.15
C CYS A 8 -6.37 -1.71 -1.12
N ARG A 9 -7.02 -1.31 -2.21
CA ARG A 9 -7.49 -2.26 -3.21
C ARG A 9 -6.38 -2.59 -4.20
N LYS A 10 -5.41 -1.71 -4.32
CA LYS A 10 -4.28 -1.91 -5.23
C LYS A 10 -3.10 -1.03 -4.84
N SER A 11 -2.03 -1.10 -5.63
CA SER A 11 -0.83 -0.32 -5.37
C SER A 11 -1.07 1.16 -5.70
N SER A 12 -1.88 1.40 -6.71
CA SER A 12 -2.19 2.77 -7.14
C SER A 12 -2.97 3.51 -6.06
N GLU A 13 -3.82 2.78 -5.34
CA GLU A 13 -4.61 3.38 -4.28
C GLU A 13 -3.73 4.16 -3.31
N CYS A 14 -2.75 3.48 -2.73
CA CYS A 14 -1.84 4.11 -1.78
C CYS A 14 -1.27 5.42 -2.35
N CYS A 15 -1.55 6.52 -1.67
CA CYS A 15 -1.08 7.82 -2.10
C CYS A 15 0.45 7.91 -2.02
N GLY A 16 1.00 9.03 -2.47
CA GLY A 16 2.44 9.22 -2.43
C GLY A 16 3.18 8.08 -3.10
N CYS A 17 4.39 7.80 -2.61
CA CYS A 17 5.22 6.73 -3.16
C CYS A 17 5.03 5.44 -2.38
N SER A 18 3.79 5.17 -1.97
CA SER A 18 3.48 3.97 -1.20
C SER A 18 2.79 2.93 -2.07
N VAL A 19 2.93 1.66 -1.71
CA VAL A 19 2.32 0.58 -2.45
C VAL A 19 1.53 -0.35 -1.52
N CYS A 20 0.72 -1.22 -2.12
CA CYS A 20 -0.08 -2.15 -1.34
C CYS A 20 0.50 -3.57 -1.43
N GLN A 21 0.22 -4.38 -0.42
CA GLN A 21 0.71 -5.75 -0.38
C GLN A 21 -0.31 -6.68 0.28
N CYS A 22 -0.42 -7.89 -0.25
CA CYS A 22 -1.36 -8.87 0.29
C CYS A 22 -0.64 -10.16 0.68
N ASN A 23 -1.35 -11.05 1.36
CA ASN A 23 -0.77 -12.32 1.80
C ASN A 23 -0.88 -13.37 0.68
N LEU A 24 -0.53 -14.61 1.02
CA LEU A 24 -0.59 -15.70 0.05
C LEU A 24 -1.99 -15.86 -0.52
N PHE A 25 -2.99 -15.49 0.27
CA PHE A 25 -4.38 -15.58 -0.16
C PHE A 25 -4.87 -14.27 -0.75
N GLY A 26 -3.91 -13.45 -1.21
CA GLY A 26 -4.26 -12.17 -1.80
C GLY A 26 -5.31 -11.43 -0.99
N GLN A 27 -5.29 -11.62 0.33
CA GLN A 27 -6.25 -10.97 1.21
C GLN A 27 -5.54 -10.02 2.18
N ASN A 28 -6.33 -9.32 2.99
CA ASN A 28 -5.78 -8.39 3.96
C ASN A 28 -4.76 -7.46 3.31
N CYS A 29 -5.08 -6.99 2.10
CA CYS A 29 -4.19 -6.10 1.37
C CYS A 29 -4.03 -4.77 2.12
N GLN A 30 -2.88 -4.62 2.78
CA GLN A 30 -2.59 -3.41 3.53
C GLN A 30 -1.55 -2.55 2.82
N CYS A 31 -1.57 -1.25 3.08
CA CYS A 31 -0.62 -0.33 2.45
C CYS A 31 0.75 -0.44 3.11
N LYS A 32 1.78 0.00 2.39
CA LYS A 32 3.14 -0.04 2.90
C LYS A 32 3.93 1.18 2.44
N SER A 33 4.85 1.63 3.29
CA SER A 33 5.67 2.79 2.97
C SER A 33 6.63 2.49 1.83
N GLY A 34 7.12 3.54 1.17
CA GLY A 34 8.04 3.36 0.07
C GLY A 34 9.28 4.24 0.19
N GLY A 35 9.05 5.55 0.28
CA GLY A 35 10.17 6.47 0.39
C GLY A 35 9.98 7.46 1.52
N LEU A 36 10.80 7.33 2.57
CA LEU A 36 10.72 8.21 3.72
C LEU A 36 11.44 9.53 3.46
N ILE A 37 12.59 9.44 2.78
CA ILE A 37 13.38 10.62 2.45
C ILE A 37 12.97 11.20 1.10
N ALA A 38 12.85 10.33 0.10
CA ALA A 38 12.46 10.75 -1.24
C ALA A 38 12.02 9.56 -2.08
N CYS A 39 11.59 9.84 -3.30
CA CYS A 39 11.13 8.79 -4.21
C CYS A 39 11.49 9.13 -5.65
N CYS A 1 -7.91 9.90 1.58
CA CYS A 1 -7.10 9.00 0.76
C CYS A 1 -6.65 7.79 1.57
N ILE A 2 -6.02 6.84 0.89
CA ILE A 2 -5.54 5.62 1.54
C ILE A 2 -4.07 5.76 1.92
N GLN A 3 -3.83 5.95 3.22
CA GLN A 3 -2.46 6.10 3.71
C GLN A 3 -1.76 4.75 3.77
N ARG A 4 -0.43 4.78 3.92
CA ARG A 4 0.36 3.57 3.98
C ARG A 4 -0.13 2.65 5.08
N HIS A 5 -0.83 3.23 6.06
CA HIS A 5 -1.36 2.46 7.18
C HIS A 5 -2.85 2.16 6.99
N ARG A 6 -3.25 2.03 5.73
CA ARG A 6 -4.65 1.76 5.41
C ARG A 6 -4.75 0.75 4.27
N SER A 7 -5.72 -0.16 4.37
CA SER A 7 -5.92 -1.18 3.35
C SER A 7 -6.22 -0.55 1.99
N CYS A 8 -5.81 -1.23 0.93
CA CYS A 8 -6.02 -0.74 -0.43
C CYS A 8 -6.27 -1.88 -1.40
N ARG A 9 -6.84 -1.56 -2.55
CA ARG A 9 -7.14 -2.58 -3.56
C ARG A 9 -5.93 -2.84 -4.44
N LYS A 10 -5.02 -1.86 -4.49
CA LYS A 10 -3.82 -1.99 -5.31
C LYS A 10 -2.78 -0.95 -4.89
N SER A 11 -1.65 -0.93 -5.60
CA SER A 11 -0.58 0.02 -5.30
C SER A 11 -0.97 1.43 -5.72
N SER A 12 -1.69 1.53 -6.83
CA SER A 12 -2.13 2.83 -7.34
C SER A 12 -3.13 3.49 -6.38
N GLU A 13 -3.93 2.66 -5.71
CA GLU A 13 -4.92 3.16 -4.78
C GLU A 13 -4.28 4.11 -3.76
N CYS A 14 -3.30 3.60 -3.03
CA CYS A 14 -2.61 4.40 -2.03
C CYS A 14 -2.14 5.73 -2.61
N CYS A 15 -2.67 6.83 -2.08
CA CYS A 15 -2.32 8.15 -2.55
C CYS A 15 -0.86 8.48 -2.21
N GLY A 16 -0.15 9.06 -3.17
CA GLY A 16 1.25 9.41 -2.95
C GLY A 16 2.20 8.31 -3.38
N CYS A 17 3.39 8.28 -2.78
CA CYS A 17 4.39 7.28 -3.11
C CYS A 17 4.32 6.11 -2.13
N SER A 18 3.32 5.25 -2.30
CA SER A 18 3.14 4.10 -1.43
C SER A 18 2.82 2.85 -2.25
N VAL A 19 2.97 1.69 -1.63
CA VAL A 19 2.68 0.42 -2.29
C VAL A 19 1.78 -0.46 -1.44
N CYS A 20 0.89 -1.19 -2.09
CA CYS A 20 -0.04 -2.08 -1.39
C CYS A 20 0.38 -3.54 -1.56
N GLN A 21 0.14 -4.34 -0.54
CA GLN A 21 0.49 -5.75 -0.56
C GLN A 21 -0.53 -6.58 0.21
N CYS A 22 -0.68 -7.85 -0.19
CA CYS A 22 -1.62 -8.74 0.47
C CYS A 22 -0.93 -10.00 0.96
N ASN A 23 -1.66 -10.85 1.65
CA ASN A 23 -1.11 -12.09 2.18
C ASN A 23 -1.16 -13.20 1.14
N LEU A 24 -0.83 -14.43 1.56
CA LEU A 24 -0.83 -15.57 0.65
C LEU A 24 -2.20 -15.76 0.02
N PHE A 25 -3.24 -15.36 0.74
CA PHE A 25 -4.60 -15.49 0.24
C PHE A 25 -5.05 -14.19 -0.45
N GLY A 26 -4.09 -13.40 -0.90
CA GLY A 26 -4.40 -12.15 -1.57
C GLY A 26 -5.49 -11.38 -0.85
N GLN A 27 -5.56 -11.52 0.47
CA GLN A 27 -6.57 -10.82 1.26
C GLN A 27 -5.91 -9.87 2.25
N ASN A 28 -6.73 -9.08 2.94
CA ASN A 28 -6.24 -8.12 3.92
C ASN A 28 -5.09 -7.29 3.34
N CYS A 29 -5.29 -6.79 2.13
CA CYS A 29 -4.29 -5.98 1.46
C CYS A 29 -4.04 -4.68 2.22
N GLN A 30 -2.89 -4.59 2.89
CA GLN A 30 -2.54 -3.40 3.65
C GLN A 30 -1.43 -2.63 2.96
N CYS A 31 -1.56 -1.30 2.95
CA CYS A 31 -0.56 -0.44 2.32
C CYS A 31 0.73 -0.44 3.12
N LYS A 32 1.82 0.00 2.48
CA LYS A 32 3.12 0.05 3.13
C LYS A 32 3.93 1.23 2.61
N SER A 33 4.90 1.67 3.40
CA SER A 33 5.76 2.79 3.03
C SER A 33 6.80 2.36 2.00
N GLY A 34 6.86 3.08 0.88
CA GLY A 34 7.81 2.76 -0.16
C GLY A 34 7.51 3.49 -1.46
N GLY A 35 6.64 2.89 -2.27
CA GLY A 35 6.29 3.50 -3.54
C GLY A 35 7.38 3.33 -4.59
N LEU A 36 7.60 2.10 -5.01
CA LEU A 36 8.63 1.80 -6.01
C LEU A 36 8.12 2.14 -7.41
N ILE A 37 7.02 1.50 -7.80
CA ILE A 37 6.44 1.73 -9.12
C ILE A 37 5.50 2.93 -9.11
N ALA A 38 4.49 2.87 -8.23
CA ALA A 38 3.52 3.95 -8.12
C ALA A 38 4.06 5.08 -7.25
N CYS A 39 4.17 6.27 -7.81
CA CYS A 39 4.67 7.43 -7.08
C CYS A 39 4.09 8.72 -7.65
N CYS A 1 -7.80 9.82 0.48
CA CYS A 1 -7.07 8.75 -0.18
C CYS A 1 -6.68 7.67 0.82
N ILE A 2 -6.03 6.62 0.32
CA ILE A 2 -5.61 5.51 1.16
C ILE A 2 -4.17 5.71 1.63
N GLN A 3 -4.00 5.94 2.92
CA GLN A 3 -2.68 6.15 3.50
C GLN A 3 -1.92 4.84 3.61
N ARG A 4 -0.59 4.93 3.76
CA ARG A 4 0.25 3.75 3.87
C ARG A 4 -0.22 2.86 5.01
N HIS A 5 -0.95 3.44 5.96
CA HIS A 5 -1.46 2.69 7.10
C HIS A 5 -2.93 2.35 6.92
N ARG A 6 -3.33 2.13 5.67
CA ARG A 6 -4.72 1.79 5.36
C ARG A 6 -4.78 0.76 4.24
N SER A 7 -5.71 -0.18 4.37
CA SER A 7 -5.89 -1.24 3.36
C SER A 7 -6.23 -0.64 2.01
N CYS A 8 -5.82 -1.33 0.95
CA CYS A 8 -6.09 -0.88 -0.41
C CYS A 8 -6.29 -2.05 -1.35
N ARG A 9 -6.76 -1.77 -2.56
CA ARG A 9 -6.98 -2.81 -3.56
C ARG A 9 -5.81 -2.90 -4.53
N LYS A 10 -5.06 -1.81 -4.65
CA LYS A 10 -3.91 -1.76 -5.54
C LYS A 10 -2.85 -0.80 -5.02
N SER A 11 -1.69 -0.79 -5.66
CA SER A 11 -0.60 0.09 -5.25
C SER A 11 -0.85 1.52 -5.72
N SER A 12 -1.53 1.65 -6.85
CA SER A 12 -1.84 2.97 -7.40
C SER A 12 -2.81 3.72 -6.51
N GLU A 13 -3.73 2.98 -5.89
CA GLU A 13 -4.72 3.58 -5.01
C GLU A 13 -4.06 4.50 -3.99
N CYS A 14 -3.24 3.91 -3.12
CA CYS A 14 -2.54 4.68 -2.09
C CYS A 14 -1.87 5.91 -2.69
N CYS A 15 -2.30 7.08 -2.27
CA CYS A 15 -1.74 8.34 -2.76
C CYS A 15 -0.28 8.50 -2.32
N GLY A 16 0.51 9.18 -3.14
CA GLY A 16 1.91 9.38 -2.82
C GLY A 16 2.77 8.20 -3.21
N CYS A 17 3.90 8.05 -2.54
CA CYS A 17 4.82 6.95 -2.81
C CYS A 17 4.58 5.79 -1.86
N SER A 18 3.51 5.05 -2.11
CA SER A 18 3.16 3.90 -1.27
C SER A 18 2.75 2.71 -2.12
N VAL A 19 2.97 1.51 -1.59
CA VAL A 19 2.65 0.28 -2.30
C VAL A 19 1.73 -0.61 -1.47
N CYS A 20 0.77 -1.25 -2.12
CA CYS A 20 -0.18 -2.13 -1.44
C CYS A 20 0.15 -3.60 -1.72
N GLN A 21 0.09 -4.42 -0.68
CA GLN A 21 0.38 -5.84 -0.81
C GLN A 21 -0.47 -6.66 0.14
N CYS A 22 -0.72 -7.91 -0.22
CA CYS A 22 -1.53 -8.81 0.61
C CYS A 22 -0.65 -9.77 1.39
N ASN A 23 -1.28 -10.57 2.25
CA ASN A 23 -0.55 -11.54 3.07
C ASN A 23 -0.30 -12.82 2.29
N LEU A 24 0.20 -13.84 2.98
CA LEU A 24 0.48 -15.13 2.35
C LEU A 24 -0.77 -15.69 1.67
N PHE A 25 -1.94 -15.34 2.20
CA PHE A 25 -3.20 -15.81 1.65
C PHE A 25 -3.77 -14.78 0.68
N GLY A 26 -2.90 -13.94 0.12
CA GLY A 26 -3.34 -12.93 -0.82
C GLY A 26 -4.59 -12.21 -0.35
N GLN A 27 -4.70 -12.03 0.97
CA GLN A 27 -5.86 -11.35 1.54
C GLN A 27 -5.42 -10.21 2.46
N ASN A 28 -6.37 -9.38 2.86
CA ASN A 28 -6.07 -8.25 3.74
C ASN A 28 -4.91 -7.43 3.20
N CYS A 29 -5.11 -6.82 2.04
CA CYS A 29 -4.08 -6.00 1.41
C CYS A 29 -3.88 -4.70 2.17
N GLN A 30 -2.74 -4.58 2.84
CA GLN A 30 -2.43 -3.38 3.61
C GLN A 30 -1.34 -2.56 2.93
N CYS A 31 -1.49 -1.24 2.96
CA CYS A 31 -0.52 -0.35 2.34
C CYS A 31 0.76 -0.28 3.17
N LYS A 32 1.86 0.11 2.53
CA LYS A 32 3.14 0.22 3.21
C LYS A 32 3.95 1.39 2.65
N SER A 33 4.92 1.86 3.43
CA SER A 33 5.76 2.98 3.03
C SER A 33 6.80 2.53 2.01
N GLY A 34 6.48 2.69 0.73
CA GLY A 34 7.39 2.30 -0.32
C GLY A 34 8.30 3.45 -0.74
N GLY A 35 7.98 4.06 -1.88
CA GLY A 35 8.79 5.16 -2.38
C GLY A 35 10.26 4.81 -2.45
N LEU A 36 10.56 3.65 -3.03
CA LEU A 36 11.93 3.20 -3.18
C LEU A 36 12.57 3.78 -4.44
N ILE A 37 12.08 3.35 -5.59
CA ILE A 37 12.60 3.82 -6.87
C ILE A 37 11.76 4.98 -7.40
N ALA A 38 10.53 4.68 -7.81
CA ALA A 38 9.63 5.70 -8.33
C ALA A 38 8.89 6.41 -7.22
N CYS A 39 8.22 7.51 -7.56
CA CYS A 39 7.48 8.28 -6.58
C CYS A 39 6.32 9.04 -7.24
N CYS A 1 -7.43 9.87 1.45
CA CYS A 1 -6.85 8.81 0.62
C CYS A 1 -6.44 7.62 1.48
N ILE A 2 -5.90 6.59 0.83
CA ILE A 2 -5.47 5.39 1.53
C ILE A 2 -4.05 5.55 2.05
N GLN A 3 -3.93 5.69 3.38
CA GLN A 3 -2.62 5.85 4.01
C GLN A 3 -1.88 4.53 4.08
N ARG A 4 -0.63 4.57 4.52
CA ARG A 4 0.18 3.36 4.64
C ARG A 4 -0.47 2.36 5.58
N HIS A 5 -1.18 2.86 6.58
CA HIS A 5 -1.86 2.01 7.55
C HIS A 5 -3.32 1.81 7.18
N ARG A 6 -3.58 1.77 5.88
CA ARG A 6 -4.95 1.58 5.39
C ARG A 6 -4.98 0.57 4.24
N SER A 7 -6.01 -0.28 4.23
CA SER A 7 -6.16 -1.29 3.20
C SER A 7 -6.29 -0.65 1.82
N CYS A 8 -5.83 -1.35 0.80
CA CYS A 8 -5.91 -0.85 -0.57
C CYS A 8 -6.12 -2.00 -1.56
N ARG A 9 -6.60 -1.67 -2.75
CA ARG A 9 -6.85 -2.66 -3.78
C ARG A 9 -5.66 -2.77 -4.73
N LYS A 10 -4.87 -1.70 -4.82
CA LYS A 10 -3.71 -1.67 -5.68
C LYS A 10 -2.62 -0.78 -5.10
N SER A 11 -1.51 -0.64 -5.83
CA SER A 11 -0.40 0.18 -5.38
C SER A 11 -0.66 1.65 -5.67
N SER A 12 -1.34 1.92 -6.78
CA SER A 12 -1.65 3.29 -7.17
C SER A 12 -2.65 3.92 -6.19
N GLU A 13 -3.47 3.08 -5.57
CA GLU A 13 -4.46 3.56 -4.61
C GLU A 13 -3.83 4.52 -3.61
N CYS A 14 -2.91 4.00 -2.80
CA CYS A 14 -2.23 4.82 -1.79
C CYS A 14 -1.72 6.11 -2.40
N CYS A 15 -2.17 7.24 -1.87
CA CYS A 15 -1.74 8.55 -2.36
C CYS A 15 -0.26 8.77 -2.09
N GLY A 16 0.28 9.85 -2.66
CA GLY A 16 1.69 10.15 -2.48
C GLY A 16 2.59 9.15 -3.16
N CYS A 17 3.35 8.40 -2.36
CA CYS A 17 4.27 7.41 -2.89
C CYS A 17 4.33 6.19 -1.98
N SER A 18 3.28 5.38 -2.01
CA SER A 18 3.21 4.18 -1.18
C SER A 18 2.72 2.98 -1.99
N VAL A 19 3.03 1.79 -1.51
CA VAL A 19 2.63 0.57 -2.20
C VAL A 19 1.60 -0.21 -1.37
N CYS A 20 1.18 -1.37 -1.89
CA CYS A 20 0.21 -2.20 -1.20
C CYS A 20 0.46 -3.68 -1.49
N GLN A 21 0.35 -4.50 -0.45
CA GLN A 21 0.56 -5.94 -0.59
C GLN A 21 -0.37 -6.73 0.32
N CYS A 22 -0.59 -7.99 -0.01
CA CYS A 22 -1.46 -8.86 0.78
C CYS A 22 -0.65 -9.79 1.68
N ASN A 23 -1.35 -10.58 2.49
CA ASN A 23 -0.69 -11.52 3.39
C ASN A 23 -0.37 -12.82 2.67
N LEU A 24 0.05 -13.83 3.42
CA LEU A 24 0.40 -15.13 2.87
C LEU A 24 -0.76 -15.70 2.06
N PHE A 25 -1.99 -15.37 2.47
CA PHE A 25 -3.18 -15.84 1.80
C PHE A 25 -3.67 -14.82 0.76
N GLY A 26 -2.75 -13.98 0.29
CA GLY A 26 -3.10 -12.98 -0.69
C GLY A 26 -4.37 -12.24 -0.34
N GLN A 27 -4.61 -12.05 0.95
CA GLN A 27 -5.80 -11.36 1.42
C GLN A 27 -5.44 -10.21 2.35
N ASN A 28 -6.44 -9.40 2.69
CA ASN A 28 -6.21 -8.25 3.58
C ASN A 28 -5.03 -7.42 3.11
N CYS A 29 -5.14 -6.87 1.90
CA CYS A 29 -4.08 -6.05 1.33
C CYS A 29 -3.96 -4.71 2.07
N GLN A 30 -2.86 -4.53 2.78
CA GLN A 30 -2.63 -3.30 3.53
C GLN A 30 -1.53 -2.46 2.88
N CYS A 31 -1.70 -1.14 2.93
CA CYS A 31 -0.72 -0.23 2.35
C CYS A 31 0.61 -0.33 3.07
N LYS A 32 1.69 0.05 2.38
CA LYS A 32 3.02 0.00 2.95
C LYS A 32 3.86 1.18 2.46
N SER A 33 4.97 1.43 3.15
CA SER A 33 5.86 2.54 2.79
C SER A 33 6.69 2.19 1.56
N GLY A 34 6.55 2.98 0.50
CA GLY A 34 7.29 2.74 -0.72
C GLY A 34 8.64 3.43 -0.73
N GLY A 35 8.66 4.68 -1.16
CA GLY A 35 9.90 5.44 -1.21
C GLY A 35 10.10 6.30 0.02
N LEU A 36 11.25 6.13 0.68
CA LEU A 36 11.57 6.89 1.87
C LEU A 36 12.10 8.28 1.51
N ILE A 37 12.76 8.37 0.36
CA ILE A 37 13.31 9.64 -0.10
C ILE A 37 12.27 10.46 -0.83
N ALA A 38 11.35 9.77 -1.51
CA ALA A 38 10.28 10.44 -2.25
C ALA A 38 9.22 10.99 -1.30
N CYS A 39 8.78 10.16 -0.37
CA CYS A 39 7.76 10.56 0.59
C CYS A 39 8.39 11.28 1.78
N CYS A 1 -7.43 9.93 0.06
CA CYS A 1 -6.64 8.86 -0.53
C CYS A 1 -6.34 7.76 0.48
N ILE A 2 -5.67 6.71 0.03
CA ILE A 2 -5.31 5.60 0.90
C ILE A 2 -3.92 5.77 1.48
N GLN A 3 -3.84 5.91 2.80
CA GLN A 3 -2.56 6.09 3.48
C GLN A 3 -1.81 4.76 3.57
N ARG A 4 -0.49 4.84 3.72
CA ARG A 4 0.34 3.64 3.82
C ARG A 4 -0.14 2.74 4.95
N HIS A 5 -0.85 3.32 5.91
CA HIS A 5 -1.36 2.57 7.05
C HIS A 5 -2.83 2.23 6.85
N ARG A 6 -3.26 2.17 5.59
CA ARG A 6 -4.65 1.85 5.28
C ARG A 6 -4.74 0.82 4.16
N SER A 7 -5.69 -0.10 4.28
CA SER A 7 -5.87 -1.14 3.28
C SER A 7 -6.16 -0.55 1.90
N CYS A 8 -5.80 -1.29 0.86
CA CYS A 8 -6.02 -0.83 -0.51
C CYS A 8 -6.34 -2.01 -1.43
N ARG A 9 -7.04 -1.72 -2.52
CA ARG A 9 -7.41 -2.75 -3.49
C ARG A 9 -6.25 -3.07 -4.42
N LYS A 10 -5.35 -2.10 -4.57
CA LYS A 10 -4.19 -2.28 -5.44
C LYS A 10 -3.14 -1.20 -5.18
N SER A 11 -1.90 -1.50 -5.51
CA SER A 11 -0.80 -0.55 -5.30
C SER A 11 -1.13 0.80 -5.94
N SER A 12 -1.75 0.76 -7.12
CA SER A 12 -2.12 1.97 -7.83
C SER A 12 -3.30 2.66 -7.17
N GLU A 13 -3.12 3.06 -5.91
CA GLU A 13 -4.17 3.72 -5.15
C GLU A 13 -3.57 4.66 -4.10
N CYS A 14 -2.81 4.08 -3.18
CA CYS A 14 -2.18 4.85 -2.11
C CYS A 14 -1.42 6.04 -2.68
N CYS A 15 -1.81 7.24 -2.26
CA CYS A 15 -1.17 8.47 -2.72
C CYS A 15 0.27 8.54 -2.24
N GLY A 16 1.16 8.99 -3.12
CA GLY A 16 2.57 9.11 -2.76
C GLY A 16 3.38 7.93 -3.24
N CYS A 17 4.51 7.68 -2.58
CA CYS A 17 5.39 6.58 -2.94
C CYS A 17 5.07 5.33 -2.12
N SER A 18 3.78 5.06 -1.94
CA SER A 18 3.35 3.90 -1.16
C SER A 18 2.85 2.79 -2.08
N VAL A 19 2.88 1.56 -1.59
CA VAL A 19 2.44 0.41 -2.36
C VAL A 19 1.54 -0.50 -1.53
N CYS A 20 0.72 -1.30 -2.21
CA CYS A 20 -0.19 -2.21 -1.54
C CYS A 20 0.28 -3.65 -1.67
N GLN A 21 0.08 -4.44 -0.62
CA GLN A 21 0.49 -5.84 -0.62
C GLN A 21 -0.49 -6.70 0.18
N CYS A 22 -0.63 -7.95 -0.22
CA CYS A 22 -1.53 -8.88 0.45
C CYS A 22 -0.79 -10.11 0.94
N ASN A 23 -1.48 -10.97 1.68
CA ASN A 23 -0.89 -12.19 2.21
C ASN A 23 -0.95 -13.32 1.19
N LEU A 24 -0.58 -14.52 1.61
CA LEU A 24 -0.61 -15.68 0.73
C LEU A 24 -2.01 -15.91 0.17
N PHE A 25 -3.03 -15.50 0.93
CA PHE A 25 -4.41 -15.66 0.51
C PHE A 25 -4.91 -14.40 -0.19
N GLY A 26 -3.98 -13.60 -0.71
CA GLY A 26 -4.34 -12.37 -1.39
C GLY A 26 -5.42 -11.60 -0.65
N GLN A 27 -5.41 -11.68 0.67
CA GLN A 27 -6.39 -10.99 1.49
C GLN A 27 -5.72 -10.03 2.47
N ASN A 28 -6.52 -9.26 3.19
CA ASN A 28 -5.99 -8.30 4.17
C ASN A 28 -4.90 -7.44 3.53
N CYS A 29 -5.17 -6.95 2.32
CA CYS A 29 -4.22 -6.11 1.61
C CYS A 29 -4.00 -4.78 2.35
N GLN A 30 -2.81 -4.61 2.90
CA GLN A 30 -2.48 -3.39 3.64
C GLN A 30 -1.37 -2.61 2.93
N CYS A 31 -1.49 -1.29 2.93
CA CYS A 31 -0.50 -0.43 2.29
C CYS A 31 0.77 -0.36 3.12
N LYS A 32 1.85 0.12 2.50
CA LYS A 32 3.13 0.25 3.18
C LYS A 32 3.91 1.45 2.67
N SER A 33 4.95 1.84 3.40
CA SER A 33 5.78 2.97 3.00
C SER A 33 6.69 2.62 1.84
N GLY A 34 7.14 3.64 1.11
CA GLY A 34 8.02 3.41 -0.02
C GLY A 34 9.36 2.85 0.39
N GLY A 35 10.23 3.71 0.90
CA GLY A 35 11.56 3.29 1.32
C GLY A 35 12.51 4.44 1.53
N LEU A 36 13.55 4.21 2.31
CA LEU A 36 14.55 5.25 2.59
C LEU A 36 15.50 5.42 1.41
N ILE A 37 15.83 4.31 0.75
CA ILE A 37 16.73 4.35 -0.39
C ILE A 37 15.97 4.63 -1.68
N ALA A 38 14.78 4.05 -1.81
CA ALA A 38 13.95 4.25 -2.99
C ALA A 38 13.24 5.60 -2.95
N CYS A 39 12.32 5.74 -2.00
CA CYS A 39 11.57 6.98 -1.85
C CYS A 39 12.35 7.99 -1.01
N CYS A 1 -6.87 10.15 2.35
CA CYS A 1 -6.33 9.16 1.44
C CYS A 1 -5.93 7.89 2.20
N ILE A 2 -5.45 6.90 1.46
CA ILE A 2 -5.03 5.63 2.05
C ILE A 2 -3.55 5.66 2.41
N GLN A 3 -3.25 5.90 3.68
CA GLN A 3 -1.87 5.94 4.15
C GLN A 3 -1.27 4.55 4.20
N ARG A 4 0.05 4.48 4.33
CA ARG A 4 0.75 3.20 4.39
C ARG A 4 0.16 2.31 5.48
N HIS A 5 -0.42 2.93 6.50
CA HIS A 5 -1.04 2.20 7.60
C HIS A 5 -2.54 2.05 7.39
N ARG A 6 -2.95 1.89 6.14
CA ARG A 6 -4.36 1.74 5.81
C ARG A 6 -4.55 0.68 4.74
N SER A 7 -5.61 -0.12 4.88
CA SER A 7 -5.91 -1.18 3.93
C SER A 7 -6.21 -0.59 2.54
N CYS A 8 -5.89 -1.36 1.51
CA CYS A 8 -6.12 -0.92 0.14
C CYS A 8 -6.41 -2.11 -0.78
N ARG A 9 -6.74 -1.83 -2.03
CA ARG A 9 -7.05 -2.87 -2.99
C ARG A 9 -5.91 -3.04 -3.99
N LYS A 10 -5.10 -2.00 -4.13
CA LYS A 10 -3.97 -2.03 -5.06
C LYS A 10 -2.92 -1.00 -4.66
N SER A 11 -1.67 -1.26 -5.05
CA SER A 11 -0.57 -0.36 -4.73
C SER A 11 -0.88 1.07 -5.20
N SER A 12 -1.57 1.17 -6.32
CA SER A 12 -1.93 2.48 -6.88
C SER A 12 -2.91 3.21 -5.97
N GLU A 13 -3.67 2.44 -5.19
CA GLU A 13 -4.64 3.01 -4.27
C GLU A 13 -3.98 3.46 -2.98
N CYS A 14 -2.95 4.29 -3.10
CA CYS A 14 -2.22 4.78 -1.94
C CYS A 14 -1.52 6.10 -2.26
N CYS A 15 -1.90 7.15 -1.54
CA CYS A 15 -1.32 8.47 -1.74
C CYS A 15 0.17 8.46 -1.40
N GLY A 16 0.95 9.27 -2.13
CA GLY A 16 2.37 9.33 -1.89
C GLY A 16 3.11 8.11 -2.40
N CYS A 17 4.41 8.07 -2.18
CA CYS A 17 5.23 6.95 -2.62
C CYS A 17 5.00 5.72 -1.74
N SER A 18 3.83 5.10 -1.88
CA SER A 18 3.49 3.92 -1.09
C SER A 18 2.88 2.84 -1.97
N VAL A 19 2.94 1.59 -1.51
CA VAL A 19 2.39 0.47 -2.26
C VAL A 19 1.43 -0.34 -1.39
N CYS A 20 0.89 -1.41 -1.96
CA CYS A 20 -0.04 -2.29 -1.24
C CYS A 20 0.20 -3.75 -1.60
N GLN A 21 0.13 -4.61 -0.59
CA GLN A 21 0.34 -6.04 -0.81
C GLN A 21 -0.55 -6.86 0.14
N CYS A 22 -0.92 -8.06 -0.31
CA CYS A 22 -1.77 -8.94 0.49
C CYS A 22 -0.91 -9.96 1.24
N ASN A 23 -1.58 -10.78 2.07
CA ASN A 23 -0.89 -11.80 2.85
C ASN A 23 -0.69 -13.06 2.02
N LEU A 24 -0.22 -14.12 2.68
CA LEU A 24 0.02 -15.40 2.01
C LEU A 24 -1.25 -15.89 1.32
N PHE A 25 -2.40 -15.49 1.84
CA PHE A 25 -3.69 -15.90 1.27
C PHE A 25 -4.20 -14.83 0.31
N GLY A 26 -3.29 -14.04 -0.24
CA GLY A 26 -3.67 -13.00 -1.18
C GLY A 26 -4.85 -12.18 -0.68
N GLN A 27 -4.92 -12.00 0.64
CA GLN A 27 -6.01 -11.24 1.25
C GLN A 27 -5.46 -10.20 2.22
N ASN A 28 -6.36 -9.38 2.76
CA ASN A 28 -5.97 -8.34 3.71
C ASN A 28 -4.84 -7.49 3.13
N CYS A 29 -5.10 -6.86 1.99
CA CYS A 29 -4.11 -6.01 1.33
C CYS A 29 -3.92 -4.70 2.11
N GLN A 30 -2.77 -4.56 2.76
CA GLN A 30 -2.47 -3.37 3.54
C GLN A 30 -1.41 -2.52 2.83
N CYS A 31 -1.49 -1.21 3.00
CA CYS A 31 -0.56 -0.29 2.38
C CYS A 31 0.80 -0.35 3.08
N LYS A 32 1.82 0.16 2.41
CA LYS A 32 3.17 0.17 2.95
C LYS A 32 3.96 1.38 2.46
N SER A 33 4.88 1.86 3.30
CA SER A 33 5.69 3.02 2.96
C SER A 33 6.58 2.72 1.76
N GLY A 34 7.11 3.78 1.13
CA GLY A 34 7.97 3.61 -0.02
C GLY A 34 9.34 3.06 0.36
N GLY A 35 10.09 3.84 1.12
CA GLY A 35 11.41 3.42 1.53
C GLY A 35 11.77 3.88 2.93
N LEU A 36 13.02 4.32 3.11
CA LEU A 36 13.47 4.79 4.42
C LEU A 36 12.92 6.19 4.71
N ILE A 37 12.95 7.06 3.71
CA ILE A 37 12.45 8.41 3.86
C ILE A 37 11.03 8.54 3.32
N ALA A 38 10.89 8.40 2.01
CA ALA A 38 9.58 8.48 1.36
C ALA A 38 9.56 7.70 0.05
N CYS A 39 10.14 8.29 -0.99
CA CYS A 39 10.18 7.66 -2.30
C CYS A 39 11.39 6.73 -2.41
N CYS A 1 -7.91 9.58 2.10
CA CYS A 1 -7.22 8.63 1.24
C CYS A 1 -6.76 7.41 2.04
N ILE A 2 -6.19 6.43 1.35
CA ILE A 2 -5.73 5.22 1.98
C ILE A 2 -4.28 5.37 2.47
N GLN A 3 -4.12 5.67 3.75
CA GLN A 3 -2.81 5.85 4.34
C GLN A 3 -2.04 4.54 4.36
N ARG A 4 -0.75 4.60 4.69
CA ARG A 4 0.10 3.43 4.74
C ARG A 4 -0.49 2.37 5.67
N HIS A 5 -1.26 2.83 6.66
CA HIS A 5 -1.88 1.93 7.62
C HIS A 5 -3.36 1.70 7.28
N ARG A 6 -3.65 1.65 5.99
CA ARG A 6 -5.02 1.44 5.52
C ARG A 6 -5.06 0.42 4.39
N SER A 7 -6.08 -0.44 4.41
CA SER A 7 -6.23 -1.47 3.38
C SER A 7 -6.42 -0.84 2.01
N CYS A 8 -5.94 -1.52 0.97
CA CYS A 8 -6.07 -1.03 -0.39
C CYS A 8 -6.20 -2.18 -1.37
N ARG A 9 -6.99 -1.98 -2.42
CA ARG A 9 -7.20 -3.01 -3.43
C ARG A 9 -5.98 -3.15 -4.33
N LYS A 10 -5.19 -2.09 -4.40
CA LYS A 10 -3.99 -2.09 -5.24
C LYS A 10 -3.03 -0.99 -4.80
N SER A 11 -1.82 -1.01 -5.36
CA SER A 11 -0.81 -0.02 -5.02
C SER A 11 -1.29 1.39 -5.39
N SER A 12 -2.10 1.48 -6.42
CA SER A 12 -2.64 2.77 -6.87
C SER A 12 -3.58 3.36 -5.83
N GLU A 13 -4.17 2.49 -5.02
CA GLU A 13 -5.10 2.93 -3.99
C GLU A 13 -4.35 3.36 -2.72
N CYS A 14 -3.38 4.25 -2.91
CA CYS A 14 -2.58 4.74 -1.79
C CYS A 14 -1.98 6.11 -2.12
N CYS A 15 -2.43 7.13 -1.39
CA CYS A 15 -1.93 8.49 -1.61
C CYS A 15 -0.46 8.59 -1.24
N GLY A 16 0.30 9.35 -2.04
CA GLY A 16 1.71 9.51 -1.78
C GLY A 16 2.54 8.38 -2.35
N CYS A 17 3.79 8.28 -1.90
CA CYS A 17 4.69 7.23 -2.37
C CYS A 17 4.57 5.98 -1.50
N SER A 18 3.51 5.21 -1.72
CA SER A 18 3.28 4.00 -0.95
C SER A 18 2.90 2.84 -1.86
N VAL A 19 3.01 1.62 -1.35
CA VAL A 19 2.67 0.43 -2.12
C VAL A 19 1.87 -0.57 -1.27
N CYS A 20 0.83 -1.13 -1.87
CA CYS A 20 -0.02 -2.09 -1.18
C CYS A 20 0.46 -3.52 -1.44
N GLN A 21 0.34 -4.38 -0.42
CA GLN A 21 0.76 -5.77 -0.54
C GLN A 21 -0.15 -6.68 0.27
N CYS A 22 -0.42 -7.86 -0.27
CA CYS A 22 -1.29 -8.83 0.39
C CYS A 22 -0.46 -9.95 1.03
N ASN A 23 -1.13 -10.84 1.75
CA ASN A 23 -0.47 -11.96 2.41
C ASN A 23 -0.30 -13.13 1.45
N LEU A 24 0.13 -14.26 1.99
CA LEU A 24 0.35 -15.47 1.18
C LEU A 24 -0.94 -15.86 0.45
N PHE A 25 -2.08 -15.51 1.05
CA PHE A 25 -3.37 -15.82 0.45
C PHE A 25 -3.89 -14.64 -0.38
N GLY A 26 -2.96 -13.81 -0.85
CA GLY A 26 -3.34 -12.66 -1.66
C GLY A 26 -4.50 -11.89 -1.07
N GLN A 27 -4.59 -11.89 0.27
CA GLN A 27 -5.66 -11.18 0.95
C GLN A 27 -5.09 -10.21 1.98
N ASN A 28 -5.98 -9.52 2.70
CA ASN A 28 -5.57 -8.55 3.70
C ASN A 28 -4.55 -7.57 3.13
N CYS A 29 -4.79 -7.12 1.91
CA CYS A 29 -3.89 -6.18 1.26
C CYS A 29 -3.85 -4.85 2.00
N GLN A 30 -2.76 -4.60 2.71
CA GLN A 30 -2.60 -3.36 3.47
C GLN A 30 -1.55 -2.47 2.83
N CYS A 31 -1.75 -1.16 2.94
CA CYS A 31 -0.81 -0.18 2.37
C CYS A 31 0.55 -0.28 3.06
N LYS A 32 1.60 0.13 2.36
CA LYS A 32 2.95 0.10 2.90
C LYS A 32 3.76 1.29 2.39
N SER A 33 4.97 1.44 2.94
CA SER A 33 5.85 2.54 2.53
C SER A 33 6.48 2.25 1.18
N GLY A 34 6.74 3.31 0.42
CA GLY A 34 7.35 3.15 -0.89
C GLY A 34 8.47 4.14 -1.13
N GLY A 35 8.20 5.15 -1.96
CA GLY A 35 9.21 6.15 -2.25
C GLY A 35 10.54 5.53 -2.66
N LEU A 36 10.55 4.91 -3.84
CA LEU A 36 11.76 4.28 -4.34
C LEU A 36 12.66 5.29 -5.05
N ILE A 37 12.27 5.67 -6.26
CA ILE A 37 13.03 6.64 -7.05
C ILE A 37 12.47 8.05 -6.86
N ALA A 38 11.28 8.28 -7.41
CA ALA A 38 10.64 9.59 -7.30
C ALA A 38 9.17 9.51 -7.70
N CYS A 39 8.33 10.25 -6.97
CA CYS A 39 6.90 10.27 -7.24
C CYS A 39 6.56 11.27 -8.34
N CYS A 1 -7.33 10.17 0.77
CA CYS A 1 -6.43 9.19 0.16
C CYS A 1 -6.15 8.04 1.12
N ILE A 2 -5.63 6.94 0.58
CA ILE A 2 -5.32 5.76 1.39
C ILE A 2 -3.90 5.85 1.94
N GLN A 3 -3.79 6.14 3.23
CA GLN A 3 -2.49 6.23 3.88
C GLN A 3 -1.77 4.89 3.89
N ARG A 4 -0.45 4.93 4.00
CA ARG A 4 0.35 3.70 4.02
C ARG A 4 -0.12 2.76 5.12
N HIS A 5 -0.79 3.32 6.13
CA HIS A 5 -1.29 2.53 7.24
C HIS A 5 -2.77 2.22 7.07
N ARG A 6 -3.22 2.14 5.82
CA ARG A 6 -4.62 1.86 5.52
C ARG A 6 -4.74 0.85 4.39
N SER A 7 -5.72 -0.05 4.50
CA SER A 7 -5.94 -1.07 3.49
C SER A 7 -6.21 -0.42 2.13
N CYS A 8 -5.86 -1.15 1.07
CA CYS A 8 -6.05 -0.65 -0.29
C CYS A 8 -6.38 -1.79 -1.24
N ARG A 9 -7.01 -1.46 -2.37
CA ARG A 9 -7.38 -2.46 -3.36
C ARG A 9 -6.25 -2.69 -4.35
N LYS A 10 -5.36 -1.71 -4.49
CA LYS A 10 -4.23 -1.82 -5.40
C LYS A 10 -3.23 -0.69 -5.15
N SER A 11 -1.98 -0.92 -5.55
CA SER A 11 -0.92 0.07 -5.37
C SER A 11 -1.36 1.43 -5.91
N SER A 12 -2.06 1.42 -7.04
CA SER A 12 -2.53 2.65 -7.66
C SER A 12 -3.69 3.25 -6.87
N GLU A 13 -3.41 3.62 -5.63
CA GLU A 13 -4.43 4.22 -4.76
C GLU A 13 -3.79 5.11 -3.70
N CYS A 14 -3.00 4.50 -2.83
CA CYS A 14 -2.33 5.26 -1.77
C CYS A 14 -1.60 6.47 -2.33
N CYS A 15 -2.02 7.65 -1.87
CA CYS A 15 -1.40 8.89 -2.33
C CYS A 15 0.04 9.01 -1.84
N GLY A 16 0.94 9.32 -2.76
CA GLY A 16 2.35 9.45 -2.41
C GLY A 16 3.15 8.22 -2.78
N CYS A 17 4.24 8.00 -2.07
CA CYS A 17 5.11 6.86 -2.32
C CYS A 17 4.76 5.70 -1.39
N SER A 18 3.67 5.01 -1.69
CA SER A 18 3.23 3.89 -0.87
C SER A 18 2.67 2.77 -1.75
N VAL A 19 3.02 1.54 -1.42
CA VAL A 19 2.54 0.38 -2.18
C VAL A 19 1.48 -0.39 -1.40
N CYS A 20 0.92 -1.41 -2.03
CA CYS A 20 -0.11 -2.23 -1.40
C CYS A 20 0.17 -3.72 -1.60
N GLN A 21 0.41 -4.42 -0.50
CA GLN A 21 0.69 -5.85 -0.56
C GLN A 21 -0.41 -6.64 0.15
N CYS A 22 -0.52 -7.92 -0.21
CA CYS A 22 -1.53 -8.79 0.37
C CYS A 22 -0.89 -10.06 0.94
N ASN A 23 -1.70 -10.88 1.60
CA ASN A 23 -1.21 -12.12 2.19
C ASN A 23 -1.18 -13.24 1.14
N LEU A 24 -0.71 -14.42 1.56
CA LEU A 24 -0.64 -15.57 0.67
C LEU A 24 -2.02 -15.94 0.13
N PHE A 25 -3.06 -15.48 0.82
CA PHE A 25 -4.43 -15.75 0.41
C PHE A 25 -4.92 -14.72 -0.60
N GLY A 26 -4.20 -13.59 -0.66
CA GLY A 26 -4.58 -12.54 -1.59
C GLY A 26 -5.69 -11.66 -1.06
N GLN A 27 -5.71 -11.48 0.27
CA GLN A 27 -6.74 -10.65 0.91
C GLN A 27 -6.12 -9.77 1.98
N ASN A 28 -6.95 -8.93 2.60
CA ASN A 28 -6.49 -8.03 3.63
C ASN A 28 -5.27 -7.24 3.17
N CYS A 29 -5.33 -6.73 1.94
CA CYS A 29 -4.23 -5.97 1.38
C CYS A 29 -4.02 -4.66 2.15
N GLN A 30 -2.85 -4.51 2.75
CA GLN A 30 -2.53 -3.31 3.51
C GLN A 30 -1.45 -2.48 2.81
N CYS A 31 -1.58 -1.16 2.91
CA CYS A 31 -0.62 -0.26 2.29
C CYS A 31 0.71 -0.28 3.04
N LYS A 32 1.78 0.14 2.36
CA LYS A 32 3.10 0.19 2.96
C LYS A 32 3.91 1.37 2.43
N SER A 33 4.96 1.72 3.15
CA SER A 33 5.82 2.84 2.75
C SER A 33 6.62 2.49 1.50
N GLY A 34 7.05 3.52 0.78
CA GLY A 34 7.82 3.30 -0.44
C GLY A 34 9.32 3.39 -0.20
N GLY A 35 9.74 4.39 0.58
CA GLY A 35 11.15 4.55 0.87
C GLY A 35 11.42 4.83 2.33
N LEU A 36 12.68 4.74 2.73
CA LEU A 36 13.06 4.98 4.11
C LEU A 36 13.04 6.47 4.43
N ILE A 37 13.85 7.23 3.72
CA ILE A 37 13.93 8.67 3.93
C ILE A 37 13.00 9.41 2.96
N ALA A 38 13.02 8.99 1.70
CA ALA A 38 12.18 9.62 0.68
C ALA A 38 12.03 8.70 -0.53
N CYS A 39 11.11 9.06 -1.43
CA CYS A 39 10.87 8.28 -2.63
C CYS A 39 11.97 8.50 -3.66
N CYS A 1 -8.61 9.87 1.16
CA CYS A 1 -7.68 8.99 0.48
C CYS A 1 -7.20 7.88 1.40
N ILE A 2 -6.30 7.04 0.90
CA ILE A 2 -5.76 5.94 1.69
C ILE A 2 -4.45 6.33 2.36
N GLN A 3 -3.85 5.39 3.08
CA GLN A 3 -2.59 5.63 3.77
C GLN A 3 -1.85 4.32 4.03
N ARG A 4 -0.56 4.43 4.34
CA ARG A 4 0.27 3.25 4.60
C ARG A 4 -0.36 2.40 5.71
N HIS A 5 -1.09 3.05 6.62
CA HIS A 5 -1.73 2.35 7.72
C HIS A 5 -3.19 2.07 7.41
N ARG A 6 -3.51 1.98 6.12
CA ARG A 6 -4.88 1.72 5.68
C ARG A 6 -4.90 0.75 4.51
N SER A 7 -5.87 -0.16 4.51
CA SER A 7 -6.00 -1.15 3.45
C SER A 7 -6.21 -0.47 2.10
N CYS A 8 -5.80 -1.15 1.04
CA CYS A 8 -5.94 -0.61 -0.31
C CYS A 8 -6.19 -1.73 -1.32
N ARG A 9 -7.02 -1.44 -2.32
CA ARG A 9 -7.34 -2.42 -3.34
C ARG A 9 -6.12 -2.75 -4.19
N LYS A 10 -5.15 -1.84 -4.21
CA LYS A 10 -3.93 -2.03 -4.98
C LYS A 10 -2.87 -1.02 -4.56
N SER A 11 -1.72 -1.07 -5.24
CA SER A 11 -0.62 -0.16 -4.94
C SER A 11 -0.94 1.26 -5.41
N SER A 12 -1.60 1.36 -6.56
CA SER A 12 -1.97 2.66 -7.11
C SER A 12 -3.03 3.34 -6.25
N GLU A 13 -3.91 2.53 -5.67
CA GLU A 13 -4.97 3.06 -4.82
C GLU A 13 -4.41 4.00 -3.75
N CYS A 14 -3.43 3.51 -3.00
CA CYS A 14 -2.81 4.30 -1.95
C CYS A 14 -2.36 5.66 -2.49
N CYS A 15 -2.98 6.72 -1.97
CA CYS A 15 -2.65 8.08 -2.40
C CYS A 15 -1.25 8.48 -1.94
N GLY A 16 -0.39 8.84 -2.89
CA GLY A 16 0.95 9.24 -2.56
C GLY A 16 1.99 8.22 -3.01
N CYS A 17 3.17 8.26 -2.40
CA CYS A 17 4.24 7.33 -2.75
C CYS A 17 4.25 6.13 -1.81
N SER A 18 3.31 5.22 -2.01
CA SER A 18 3.20 4.03 -1.18
C SER A 18 2.85 2.80 -2.02
N VAL A 19 3.14 1.62 -1.49
CA VAL A 19 2.85 0.38 -2.18
C VAL A 19 1.92 -0.51 -1.36
N CYS A 20 1.00 -1.18 -2.03
CA CYS A 20 0.05 -2.06 -1.36
C CYS A 20 0.41 -3.53 -1.59
N GLN A 21 0.25 -4.35 -0.56
CA GLN A 21 0.56 -5.77 -0.65
C GLN A 21 -0.41 -6.60 0.19
N CYS A 22 -0.48 -7.90 -0.09
CA CYS A 22 -1.37 -8.79 0.63
C CYS A 22 -0.58 -9.96 1.24
N ASN A 23 -1.29 -10.82 1.96
CA ASN A 23 -0.66 -11.97 2.60
C ASN A 23 -0.57 -13.15 1.63
N LEU A 24 -0.18 -14.30 2.15
CA LEU A 24 -0.05 -15.51 1.32
C LEU A 24 -1.38 -15.85 0.65
N PHE A 25 -2.48 -15.49 1.31
CA PHE A 25 -3.81 -15.75 0.77
C PHE A 25 -4.32 -14.56 -0.02
N GLY A 26 -3.40 -13.72 -0.49
CA GLY A 26 -3.79 -12.55 -1.25
C GLY A 26 -4.96 -11.81 -0.64
N GLN A 27 -5.05 -11.85 0.70
CA GLN A 27 -6.14 -11.18 1.41
C GLN A 27 -5.58 -10.17 2.40
N ASN A 28 -6.48 -9.41 3.02
CA ASN A 28 -6.09 -8.40 4.00
C ASN A 28 -4.98 -7.52 3.45
N CYS A 29 -5.14 -7.06 2.22
CA CYS A 29 -4.15 -6.21 1.57
C CYS A 29 -4.03 -4.87 2.30
N GLN A 30 -2.86 -4.64 2.89
CA GLN A 30 -2.61 -3.40 3.61
C GLN A 30 -1.57 -2.54 2.90
N CYS A 31 -1.65 -1.23 3.10
CA CYS A 31 -0.72 -0.31 2.48
C CYS A 31 0.63 -0.32 3.18
N LYS A 32 1.68 0.06 2.46
CA LYS A 32 3.03 0.08 3.01
C LYS A 32 3.82 1.27 2.47
N SER A 33 4.92 1.59 3.14
CA SER A 33 5.76 2.71 2.73
C SER A 33 6.59 2.33 1.49
N GLY A 34 7.17 3.35 0.86
CA GLY A 34 7.98 3.10 -0.33
C GLY A 34 8.59 4.38 -0.87
N GLY A 35 9.79 4.71 -0.39
CA GLY A 35 10.46 5.91 -0.85
C GLY A 35 11.07 6.71 0.29
N LEU A 36 12.32 6.41 0.62
CA LEU A 36 13.01 7.11 1.70
C LEU A 36 13.44 8.50 1.27
N ILE A 37 13.81 8.62 0.00
CA ILE A 37 14.25 9.91 -0.54
C ILE A 37 13.06 10.70 -1.08
N ALA A 38 12.10 9.99 -1.68
CA ALA A 38 10.92 10.63 -2.24
C ALA A 38 9.96 11.07 -1.14
N CYS A 39 9.50 10.10 -0.34
CA CYS A 39 8.58 10.39 0.74
C CYS A 39 9.31 11.04 1.92
#